data_5XCA
#
_entry.id   5XCA
#
_cell.length_a   34.321
_cell.length_b   46.531
_cell.length_c   91.891
_cell.angle_alpha   90.00
_cell.angle_beta   90.00
_cell.angle_gamma   90.00
#
_symmetry.space_group_name_H-M   'P 21 21 21'
#
loop_
_entity.id
_entity.type
_entity.pdbx_description
1 polymer Endo-beta-1,4-glucanase
2 branched beta-D-glucopyranose-(1-4)-beta-D-glucopyranose
3 water water
#
_entity_poly.entity_id   1
_entity_poly.type   'polypeptide(L)'
_entity_poly.pdbx_seq_one_letter_code
;SLEKRAQLCQPDAHGVRRFNGRPCASTTRYVDGHKGACGCGQKGSDTPFPWNLQKHVTAPSERYFDDGGSNLWCGKNCGK
CVRLTPTGGFVPGKGGAPPNHNPVVFMVTNACPINGNEEWCGISGKPGTNHVNSHGYEVHFALQDQVGQVEALHWDNPEV
TWEEVPCPGDLQANYQQCECHNSDHHHHHH
;
_entity_poly.pdbx_strand_id   A
#
loop_
_chem_comp.id
_chem_comp.type
_chem_comp.name
_chem_comp.formula
BGC D-saccharide, beta linking beta-D-glucopyranose 'C6 H12 O6'
#
# COMPACT_ATOMS: atom_id res chain seq x y z
N ALA A 6 -16.21 12.53 6.60
CA ALA A 6 -15.51 12.33 5.35
C ALA A 6 -15.14 10.89 5.08
N GLN A 7 -15.03 10.04 6.11
CA GLN A 7 -14.78 8.61 5.87
C GLN A 7 -16.09 7.92 5.52
N LEU A 8 -16.16 7.33 4.34
CA LEU A 8 -17.34 6.63 3.85
C LEU A 8 -17.35 5.14 4.18
N CYS A 9 -16.25 4.57 4.64
CA CYS A 9 -16.22 3.17 5.03
C CYS A 9 -16.62 3.09 6.50
N GLN A 10 -17.63 2.38 6.77
N GLN A 10 -17.60 2.38 6.77
CA GLN A 10 -18.13 2.28 8.15
CA GLN A 10 -18.07 2.35 8.16
C GLN A 10 -17.44 1.16 8.90
C GLN A 10 -17.49 1.16 8.91
N PRO A 11 -17.13 1.35 10.18
CA PRO A 11 -16.62 0.23 10.97
C PRO A 11 -17.63 -0.89 11.09
N ASP A 12 -17.17 -2.14 10.89
CA ASP A 12 -18.03 -3.31 11.07
C ASP A 12 -18.06 -3.68 12.55
N ALA A 13 -18.67 -4.82 12.89
CA ALA A 13 -18.81 -5.23 14.28
C ALA A 13 -17.46 -5.45 14.95
N HIS A 14 -16.41 -5.58 14.15
CA HIS A 14 -15.07 -5.83 14.67
C HIS A 14 -14.18 -4.63 14.50
N GLY A 15 -14.75 -3.47 14.12
CA GLY A 15 -13.99 -2.25 14.02
C GLY A 15 -13.34 -2.01 12.66
N VAL A 16 -13.47 -2.95 11.71
CA VAL A 16 -12.78 -2.83 10.41
C VAL A 16 -13.64 -2.05 9.45
N ARG A 17 -13.11 -0.95 8.91
CA ARG A 17 -13.90 -0.15 8.00
C ARG A 17 -14.08 -0.86 6.65
N ARG A 18 -15.33 -0.88 6.18
CA ARG A 18 -15.68 -1.57 4.95
C ARG A 18 -16.65 -0.72 4.14
N PHE A 19 -16.77 -1.01 2.85
CA PHE A 19 -17.63 -0.24 1.97
C PHE A 19 -18.34 -1.26 1.12
N ASN A 20 -19.65 -1.42 1.36
CA ASN A 20 -20.44 -2.42 0.66
C ASN A 20 -19.79 -3.79 0.74
N GLY A 21 -19.38 -4.18 1.94
N GLY A 21 -19.32 -4.14 1.94
CA GLY A 21 -18.82 -5.50 2.10
CA GLY A 21 -18.66 -5.40 2.26
C GLY A 21 -17.44 -5.70 1.49
C GLY A 21 -17.16 -5.41 2.02
N ARG A 22 -16.77 -4.62 1.07
N ARG A 22 -16.74 -4.69 0.99
CA ARG A 22 -15.37 -4.73 0.64
CA ARG A 22 -15.33 -4.71 0.60
C ARG A 22 -14.48 -4.04 1.66
C ARG A 22 -14.49 -4.05 1.68
N PRO A 23 -13.28 -4.56 1.94
CA PRO A 23 -12.44 -3.91 2.94
C PRO A 23 -11.87 -2.61 2.40
N CYS A 24 -11.74 -1.63 3.26
CA CYS A 24 -11.15 -0.36 2.86
C CYS A 24 -9.70 -0.29 3.33
N ALA A 25 -8.97 0.60 2.69
CA ALA A 25 -7.64 0.96 3.13
C ALA A 25 -7.47 2.47 3.14
N SER A 26 -6.57 2.93 3.99
CA SER A 26 -6.11 4.30 3.90
C SER A 26 -4.91 4.36 2.95
N THR A 27 -4.65 5.56 2.46
CA THR A 27 -3.51 5.80 1.60
C THR A 27 -2.81 7.10 1.99
N THR A 28 -1.51 7.13 1.68
CA THR A 28 -0.70 8.35 1.70
C THR A 28 0.22 8.28 0.49
N ARG A 29 0.95 9.38 0.26
N ARG A 29 0.95 9.38 0.29
CA ARG A 29 2.01 9.42 -0.75
CA ARG A 29 2.03 9.44 -0.67
C ARG A 29 3.34 9.58 -0.03
C ARG A 29 3.33 9.40 0.11
N TYR A 30 4.38 8.91 -0.55
CA TYR A 30 5.69 9.00 0.06
C TYR A 30 6.74 9.19 -1.01
N VAL A 31 7.88 9.76 -0.60
CA VAL A 31 9.08 9.81 -1.42
C VAL A 31 10.25 9.54 -0.48
N ASP A 32 11.20 8.73 -0.91
CA ASP A 32 12.40 8.62 -0.09
C ASP A 32 13.63 8.22 -0.87
N GLY A 33 13.48 7.79 -2.13
CA GLY A 33 14.63 7.52 -2.98
C GLY A 33 15.35 6.21 -2.68
N HIS A 34 14.92 5.44 -1.66
CA HIS A 34 15.60 4.19 -1.36
C HIS A 34 15.22 3.11 -2.38
N LYS A 35 16.11 2.11 -2.50
CA LYS A 35 15.77 0.92 -3.30
C LYS A 35 14.50 0.27 -2.78
N GLY A 36 14.42 0.06 -1.49
CA GLY A 36 13.20 -0.46 -0.90
C GLY A 36 13.31 -1.93 -0.49
N ALA A 37 12.27 -2.37 0.24
CA ALA A 37 12.34 -3.61 1.00
C ALA A 37 12.12 -4.85 0.17
N CYS A 38 11.81 -4.70 -1.13
CA CYS A 38 11.68 -5.84 -2.02
C CYS A 38 12.91 -5.99 -2.92
N GLY A 39 13.96 -5.19 -2.68
CA GLY A 39 15.15 -5.33 -3.51
C GLY A 39 15.01 -4.92 -4.96
N CYS A 40 14.14 -3.93 -5.27
CA CYS A 40 13.93 -3.54 -6.66
C CYS A 40 14.98 -2.50 -7.09
N GLY A 41 16.21 -3.00 -7.20
CA GLY A 41 17.33 -2.22 -7.68
C GLY A 41 18.53 -3.16 -7.70
N GLN A 42 19.68 -2.68 -8.19
CA GLN A 42 20.85 -3.55 -8.26
C GLN A 42 21.28 -4.04 -6.87
N LYS A 43 21.67 -5.31 -6.82
CA LYS A 43 22.01 -5.96 -5.57
C LYS A 43 23.11 -5.20 -4.82
N GLY A 44 22.95 -5.04 -3.50
CA GLY A 44 23.98 -4.48 -2.66
C GLY A 44 24.02 -2.96 -2.59
N SER A 45 23.37 -2.26 -3.52
CA SER A 45 23.36 -0.80 -3.52
C SER A 45 21.96 -0.30 -3.20
N ASP A 46 21.86 0.81 -2.49
CA ASP A 46 20.56 1.43 -2.20
C ASP A 46 20.08 2.30 -3.36
N THR A 47 20.07 1.75 -4.58
CA THR A 47 19.67 2.50 -5.78
C THR A 47 18.49 1.78 -6.40
N PRO A 48 17.28 2.35 -6.37
CA PRO A 48 16.15 1.72 -7.04
C PRO A 48 16.33 1.73 -8.55
N PHE A 49 15.81 0.71 -9.22
CA PHE A 49 15.59 0.82 -10.66
C PHE A 49 14.70 2.03 -10.93
N PRO A 50 14.95 2.79 -11.99
CA PRO A 50 14.08 3.94 -12.28
C PRO A 50 12.61 3.57 -12.29
N TRP A 51 12.23 2.41 -12.85
CA TRP A 51 10.78 2.10 -12.86
C TRP A 51 10.18 2.08 -11.46
N ASN A 52 10.99 1.76 -10.46
CA ASN A 52 10.47 1.68 -9.10
C ASN A 52 10.35 3.04 -8.44
N LEU A 53 10.83 4.10 -9.11
CA LEU A 53 10.54 5.46 -8.70
C LEU A 53 9.42 6.07 -9.50
N GLN A 54 9.06 5.48 -10.63
CA GLN A 54 8.19 6.09 -11.63
C GLN A 54 6.80 5.49 -11.73
N LYS A 55 6.65 4.18 -11.50
CA LYS A 55 5.40 3.48 -11.73
C LYS A 55 4.50 3.50 -10.50
N HIS A 56 3.36 2.82 -10.63
CA HIS A 56 2.39 2.72 -9.54
C HIS A 56 2.86 1.63 -8.60
N VAL A 57 3.71 2.03 -7.66
CA VAL A 57 4.27 1.09 -6.69
C VAL A 57 3.93 1.57 -5.29
N THR A 58 3.86 0.62 -4.36
CA THR A 58 3.44 0.95 -3.00
C THR A 58 4.33 0.30 -1.93
N ALA A 59 4.38 0.96 -0.76
CA ALA A 59 4.90 0.40 0.49
C ALA A 59 3.72 0.18 1.42
N PRO A 60 3.17 -1.03 1.49
CA PRO A 60 2.08 -1.26 2.45
C PRO A 60 2.56 -1.29 3.87
N SER A 61 1.60 -1.09 4.76
CA SER A 61 1.85 -1.29 6.18
C SER A 61 2.45 -2.68 6.44
N GLU A 62 3.30 -2.74 7.48
CA GLU A 62 4.20 -3.85 7.76
C GLU A 62 3.48 -5.20 7.83
N ARG A 63 2.36 -5.31 8.58
CA ARG A 63 1.86 -6.65 8.75
C ARG A 63 1.26 -7.18 7.48
N TYR A 64 0.76 -6.35 6.57
CA TYR A 64 0.38 -6.89 5.25
C TYR A 64 1.60 -7.19 4.41
N PHE A 65 2.56 -6.26 4.38
CA PHE A 65 3.81 -6.46 3.65
C PHE A 65 4.39 -7.84 3.87
N ASP A 66 4.46 -8.30 5.11
CA ASP A 66 5.05 -9.61 5.41
C ASP A 66 4.00 -10.63 5.88
N ASP A 67 2.73 -10.46 5.50
CA ASP A 67 1.70 -11.46 5.81
C ASP A 67 1.74 -11.93 7.28
N GLY A 68 1.77 -10.96 8.22
CA GLY A 68 1.73 -11.15 9.66
C GLY A 68 3.09 -11.15 10.34
N GLY A 69 4.16 -11.32 9.57
CA GLY A 69 5.50 -11.27 10.14
C GLY A 69 6.02 -9.85 10.23
N SER A 70 7.28 -9.75 10.66
N SER A 70 7.31 -9.75 10.59
CA SER A 70 7.98 -8.50 10.87
CA SER A 70 8.04 -8.49 10.78
C SER A 70 9.22 -8.34 10.00
C SER A 70 9.27 -8.36 9.89
N ASN A 71 9.35 -9.18 8.95
N ASN A 71 9.45 -9.21 8.88
CA ASN A 71 10.48 -9.04 8.02
CA ASN A 71 10.64 -9.15 8.03
C ASN A 71 10.35 -7.81 7.17
C ASN A 71 10.50 -7.99 7.04
N LEU A 72 11.41 -7.03 7.12
CA LEU A 72 11.42 -5.83 6.31
C LEU A 72 12.36 -5.98 5.13
N TRP A 73 12.74 -7.21 4.80
CA TRP A 73 13.49 -7.52 3.58
C TRP A 73 12.82 -8.74 2.96
N CYS A 74 12.42 -8.62 1.70
CA CYS A 74 11.70 -9.71 1.03
C CYS A 74 10.50 -10.19 1.86
N GLY A 75 9.60 -9.28 2.14
CA GLY A 75 8.34 -9.68 2.79
C GLY A 75 7.54 -10.61 1.90
N LYS A 76 6.67 -11.39 2.54
N LYS A 76 6.66 -11.39 2.54
CA LYS A 76 5.92 -12.41 1.84
CA LYS A 76 5.92 -12.43 1.81
C LYS A 76 5.09 -11.84 0.69
C LYS A 76 5.11 -11.83 0.67
N ASN A 77 4.63 -10.59 0.83
CA ASN A 77 3.80 -9.98 -0.20
C ASN A 77 4.56 -9.05 -1.16
N CYS A 78 5.89 -9.06 -1.15
CA CYS A 78 6.63 -8.38 -2.22
C CYS A 78 6.15 -8.91 -3.57
N GLY A 79 5.94 -8.00 -4.52
CA GLY A 79 5.57 -8.37 -5.86
C GLY A 79 4.11 -8.61 -6.07
N LYS A 80 3.31 -8.57 -5.00
CA LYS A 80 1.88 -8.67 -5.24
C LYS A 80 1.35 -7.34 -5.77
N CYS A 81 0.17 -7.39 -6.39
CA CYS A 81 -0.45 -6.15 -6.83
C CYS A 81 -1.79 -6.00 -6.18
N VAL A 82 -2.15 -4.74 -5.94
CA VAL A 82 -3.43 -4.42 -5.31
C VAL A 82 -4.14 -3.41 -6.19
N ARG A 83 -5.44 -3.60 -6.37
CA ARG A 83 -6.24 -2.63 -7.10
C ARG A 83 -6.92 -1.75 -6.05
N LEU A 84 -6.66 -0.45 -6.12
CA LEU A 84 -7.23 0.47 -5.15
C LEU A 84 -8.29 1.32 -5.84
N THR A 85 -9.51 1.34 -5.30
CA THR A 85 -10.63 2.11 -5.89
C THR A 85 -11.10 3.18 -4.90
N PRO A 86 -11.00 4.47 -5.23
CA PRO A 86 -11.47 5.50 -4.31
C PRO A 86 -12.95 5.33 -4.01
N THR A 87 -13.30 5.55 -2.74
CA THR A 87 -14.72 5.60 -2.37
C THR A 87 -15.29 7.01 -2.45
N GLY A 88 -14.43 8.04 -2.52
CA GLY A 88 -14.82 9.41 -2.40
C GLY A 88 -14.54 9.95 -1.02
N GLY A 89 -14.20 9.05 -0.08
CA GLY A 89 -13.96 9.46 1.29
C GLY A 89 -12.48 9.81 1.52
N PHE A 90 -12.19 10.23 2.76
CA PHE A 90 -10.85 10.60 3.18
C PHE A 90 -10.94 10.86 4.68
N VAL A 91 -9.80 10.87 5.35
CA VAL A 91 -9.78 11.18 6.78
C VAL A 91 -9.82 12.70 6.93
N PRO A 92 -10.78 13.26 7.69
CA PRO A 92 -10.90 14.72 7.76
C PRO A 92 -9.63 15.37 8.27
N GLY A 93 -9.22 16.41 7.58
CA GLY A 93 -8.01 17.11 7.89
C GLY A 93 -6.76 16.44 7.39
N LYS A 94 -6.88 15.24 6.81
CA LYS A 94 -5.71 14.46 6.39
C LYS A 94 -5.88 13.89 4.99
N GLY A 95 -6.57 14.61 4.13
CA GLY A 95 -6.80 14.15 2.78
C GLY A 95 -7.92 14.97 2.16
N GLY A 96 -8.33 14.53 0.97
CA GLY A 96 -9.51 15.12 0.37
C GLY A 96 -10.14 14.20 -0.65
N ALA A 97 -11.22 14.68 -1.26
CA ALA A 97 -11.99 13.83 -2.15
C ALA A 97 -11.41 13.90 -3.56
N PRO A 98 -11.13 12.79 -4.21
CA PRO A 98 -10.41 12.87 -5.49
C PRO A 98 -11.36 13.26 -6.62
N PRO A 99 -10.80 13.71 -7.74
CA PRO A 99 -11.66 14.16 -8.86
C PRO A 99 -12.46 13.05 -9.52
N ASN A 100 -11.95 11.82 -9.53
CA ASN A 100 -12.68 10.68 -10.07
C ASN A 100 -12.38 9.45 -9.22
N HIS A 101 -13.07 8.36 -9.51
CA HIS A 101 -12.87 7.14 -8.75
C HIS A 101 -12.33 6.02 -9.62
N ASN A 102 -11.57 6.36 -10.67
CA ASN A 102 -10.91 5.32 -11.49
C ASN A 102 -10.04 4.44 -10.61
N PRO A 103 -10.13 3.12 -10.70
CA PRO A 103 -9.26 2.25 -9.91
C PRO A 103 -7.85 2.31 -10.47
N VAL A 104 -6.89 2.09 -9.58
CA VAL A 104 -5.50 2.05 -9.98
C VAL A 104 -4.84 0.84 -9.34
N VAL A 105 -4.00 0.13 -10.10
CA VAL A 105 -3.30 -1.04 -9.59
C VAL A 105 -1.88 -0.63 -9.23
N PHE A 106 -1.42 -1.03 -8.06
CA PHE A 106 -0.08 -0.73 -7.58
C PHE A 106 0.58 -2.06 -7.21
N MET A 107 1.89 -2.15 -7.44
CA MET A 107 2.64 -3.33 -7.05
C MET A 107 3.40 -3.07 -5.75
N VAL A 108 3.48 -4.08 -4.91
CA VAL A 108 4.17 -3.91 -3.65
C VAL A 108 5.67 -4.03 -3.90
N THR A 109 6.43 -2.94 -3.64
CA THR A 109 7.88 -3.02 -3.81
C THR A 109 8.64 -2.60 -2.57
N ASN A 110 7.94 -2.23 -1.51
CA ASN A 110 8.61 -1.68 -0.35
C ASN A 110 7.67 -1.88 0.83
N ALA A 111 8.14 -1.49 2.02
CA ALA A 111 7.39 -1.65 3.25
C ALA A 111 7.23 -0.32 4.00
N CYS A 112 6.06 -0.16 4.66
CA CYS A 112 5.81 0.92 5.60
C CYS A 112 5.92 0.35 7.02
N PRO A 113 7.06 0.48 7.68
CA PRO A 113 7.21 -0.17 8.98
C PRO A 113 6.38 0.52 10.03
N ILE A 114 5.93 -0.28 11.00
CA ILE A 114 5.23 0.30 12.14
C ILE A 114 6.08 1.37 12.81
N ASN A 115 7.38 1.09 12.99
CA ASN A 115 8.27 2.00 13.69
C ASN A 115 8.44 3.26 12.85
N GLY A 116 8.03 4.40 13.42
CA GLY A 116 8.08 5.69 12.73
C GLY A 116 6.88 5.97 11.83
N ASN A 117 5.90 5.08 11.77
CA ASN A 117 4.69 5.33 11.00
C ASN A 117 3.47 4.87 11.77
N GLU A 118 3.32 5.34 13.01
CA GLU A 118 2.29 4.78 13.88
C GLU A 118 0.89 5.11 13.37
N GLU A 119 0.66 6.38 12.99
CA GLU A 119 -0.69 6.82 12.65
C GLU A 119 -1.32 5.95 11.57
N TRP A 120 -0.58 5.73 10.48
CA TRP A 120 -1.12 5.06 9.30
C TRP A 120 -0.72 3.59 9.24
N CYS A 121 0.51 3.24 9.64
CA CYS A 121 0.99 1.88 9.45
C CYS A 121 1.04 1.10 10.75
N GLY A 122 0.68 1.70 11.88
CA GLY A 122 0.64 1.01 13.17
C GLY A 122 -0.60 0.13 13.23
N ILE A 123 -0.48 -1.06 12.68
CA ILE A 123 -1.56 -2.05 12.62
C ILE A 123 -0.92 -3.35 13.08
N SER A 124 -1.48 -3.94 14.14
N SER A 124 -1.47 -3.93 14.15
CA SER A 124 -0.75 -5.00 14.82
CA SER A 124 -0.80 -5.01 14.86
C SER A 124 -1.06 -6.41 14.32
C SER A 124 -1.26 -6.40 14.46
N GLY A 125 -1.85 -6.54 13.27
CA GLY A 125 -2.13 -7.84 12.70
C GLY A 125 -2.42 -7.68 11.22
N LYS A 126 -2.31 -8.76 10.49
CA LYS A 126 -2.50 -8.71 9.04
C LYS A 126 -4.00 -8.62 8.72
N PRO A 127 -4.37 -8.28 7.49
CA PRO A 127 -5.80 -8.29 7.15
C PRO A 127 -6.39 -9.67 7.42
N GLY A 128 -7.61 -9.67 7.95
CA GLY A 128 -8.26 -10.89 8.39
C GLY A 128 -8.34 -11.02 9.88
N THR A 129 -7.56 -10.23 10.62
CA THR A 129 -7.41 -10.42 12.05
C THR A 129 -8.04 -9.28 12.81
N ASN A 130 -8.68 -8.34 12.09
CA ASN A 130 -9.49 -7.29 12.73
C ASN A 130 -8.66 -6.28 13.48
N HIS A 131 -7.36 -6.19 13.16
CA HIS A 131 -6.53 -5.11 13.67
C HIS A 131 -6.56 -3.95 12.68
N VAL A 132 -6.65 -2.72 13.21
CA VAL A 132 -6.77 -1.55 12.36
C VAL A 132 -5.78 -0.48 12.76
N ASN A 133 -5.59 0.48 11.87
CA ASN A 133 -4.79 1.64 12.26
C ASN A 133 -5.67 2.63 13.04
N SER A 134 -5.07 3.77 13.38
CA SER A 134 -5.76 4.78 14.19
C SER A 134 -6.99 5.39 13.52
N HIS A 135 -7.17 5.16 12.22
CA HIS A 135 -8.31 5.66 11.48
C HIS A 135 -9.30 4.56 11.12
N GLY A 136 -9.08 3.33 11.61
CA GLY A 136 -10.05 2.27 11.39
C GLY A 136 -9.83 1.39 10.18
N TYR A 137 -8.69 1.47 9.50
CA TYR A 137 -8.46 0.62 8.33
C TYR A 137 -7.54 -0.54 8.65
N GLU A 138 -7.84 -1.70 8.04
CA GLU A 138 -7.07 -2.92 8.29
C GLU A 138 -5.75 -2.94 7.57
N VAL A 139 -5.51 -2.01 6.66
CA VAL A 139 -4.25 -1.97 5.91
C VAL A 139 -4.10 -0.56 5.39
N HIS A 140 -2.84 -0.15 5.18
CA HIS A 140 -2.50 1.16 4.68
C HIS A 140 -1.58 0.99 3.49
N PHE A 141 -1.77 1.79 2.44
CA PHE A 141 -0.87 1.79 1.27
C PHE A 141 -0.24 3.15 1.10
N ALA A 142 1.07 3.23 1.29
CA ALA A 142 1.82 4.43 0.99
C ALA A 142 2.24 4.33 -0.46
N LEU A 143 1.91 5.32 -1.24
CA LEU A 143 2.05 5.27 -2.69
C LEU A 143 3.25 6.11 -3.11
N GLN A 144 4.22 5.48 -3.79
CA GLN A 144 5.42 6.15 -4.30
C GLN A 144 5.05 7.31 -5.20
N ASP A 145 5.65 8.48 -4.91
CA ASP A 145 5.30 9.69 -5.64
C ASP A 145 6.55 10.45 -6.09
N GLN A 146 7.69 9.76 -6.23
CA GLN A 146 8.90 10.48 -6.55
C GLN A 146 8.78 11.37 -7.81
N VAL A 147 8.14 10.87 -8.86
CA VAL A 147 8.01 11.64 -10.13
C VAL A 147 6.63 12.23 -10.28
N GLY A 148 5.91 12.36 -9.18
CA GLY A 148 4.57 12.93 -9.23
C GLY A 148 3.48 12.04 -9.81
N GLN A 149 3.69 10.73 -9.81
CA GLN A 149 2.71 9.83 -10.42
C GLN A 149 1.41 9.78 -9.63
N VAL A 150 1.48 10.02 -8.31
CA VAL A 150 0.25 10.07 -7.51
C VAL A 150 -0.38 11.44 -7.56
N GLU A 151 0.43 12.49 -7.45
CA GLU A 151 -0.03 13.85 -7.70
C GLU A 151 -0.80 13.93 -9.01
N ALA A 152 -0.31 13.24 -10.05
CA ALA A 152 -1.00 13.25 -11.34
C ALA A 152 -2.39 12.61 -11.27
N LEU A 153 -2.58 11.63 -10.38
CA LEU A 153 -3.92 11.11 -10.17
C LEU A 153 -4.78 12.08 -9.37
N HIS A 154 -4.18 13.13 -8.78
CA HIS A 154 -4.89 14.02 -7.84
C HIS A 154 -5.44 13.25 -6.66
N TRP A 155 -4.72 12.23 -6.21
CA TRP A 155 -5.09 11.54 -5.00
C TRP A 155 -4.45 12.23 -3.81
N ASP A 156 -5.27 12.78 -2.94
CA ASP A 156 -4.77 13.38 -1.70
C ASP A 156 -5.22 12.46 -0.58
N ASN A 157 -4.42 11.43 -0.33
CA ASN A 157 -4.69 10.45 0.71
C ASN A 157 -6.12 9.86 0.65
N PRO A 158 -6.59 9.47 -0.52
CA PRO A 158 -7.99 9.03 -0.56
C PRO A 158 -8.24 7.74 0.19
N GLU A 159 -9.42 7.64 0.77
CA GLU A 159 -9.96 6.33 1.19
C GLU A 159 -10.28 5.47 -0.03
N VAL A 160 -9.93 4.17 0.05
CA VAL A 160 -10.09 3.24 -1.07
C VAL A 160 -10.64 1.91 -0.57
N THR A 161 -11.27 1.19 -1.49
CA THR A 161 -11.40 -0.24 -1.27
C THR A 161 -10.21 -0.92 -1.94
N TRP A 162 -9.82 -2.11 -1.43
CA TRP A 162 -8.60 -2.72 -1.90
C TRP A 162 -8.84 -4.20 -2.13
N GLU A 163 -8.17 -4.75 -3.15
CA GLU A 163 -8.12 -6.20 -3.31
C GLU A 163 -6.84 -6.57 -4.02
N GLU A 164 -6.34 -7.77 -3.75
CA GLU A 164 -5.22 -8.31 -4.51
C GLU A 164 -5.67 -8.74 -5.89
N VAL A 165 -4.86 -8.40 -6.90
CA VAL A 165 -5.16 -8.80 -8.28
C VAL A 165 -3.88 -9.27 -8.95
N PRO A 166 -4.00 -10.02 -10.04
CA PRO A 166 -2.78 -10.40 -10.77
C PRO A 166 -2.14 -9.14 -11.31
N CYS A 167 -0.80 -9.07 -11.29
CA CYS A 167 -0.15 -7.87 -11.74
C CYS A 167 -0.25 -7.76 -13.26
N PRO A 168 -0.40 -6.55 -13.77
CA PRO A 168 -0.29 -6.34 -15.20
C PRO A 168 1.08 -6.81 -15.68
N GLY A 169 1.16 -7.16 -16.97
CA GLY A 169 2.34 -7.83 -17.46
C GLY A 169 3.60 -7.00 -17.30
N ASP A 170 3.49 -5.67 -17.48
CA ASP A 170 4.70 -4.85 -17.41
C ASP A 170 5.25 -4.82 -15.99
N LEU A 171 4.37 -4.80 -15.00
CA LEU A 171 4.82 -4.80 -13.61
C LEU A 171 5.37 -6.16 -13.24
N GLN A 172 4.78 -7.25 -13.77
N GLN A 172 4.78 -7.24 -13.77
CA GLN A 172 5.33 -8.57 -13.48
CA GLN A 172 5.31 -8.56 -13.51
C GLN A 172 6.75 -8.68 -14.03
C GLN A 172 6.73 -8.67 -14.02
N ALA A 173 6.96 -8.19 -15.24
CA ALA A 173 8.30 -8.22 -15.81
C ALA A 173 9.26 -7.36 -15.00
N ASN A 174 8.81 -6.18 -14.57
CA ASN A 174 9.67 -5.36 -13.71
C ASN A 174 10.07 -6.13 -12.46
N TYR A 175 9.08 -6.81 -11.82
CA TYR A 175 9.34 -7.44 -10.53
C TYR A 175 10.39 -8.57 -10.67
N GLN A 176 10.45 -9.18 -11.84
CA GLN A 176 11.39 -10.25 -12.06
C GLN A 176 12.85 -9.83 -11.95
N GLN A 177 13.19 -8.55 -12.05
CA GLN A 177 14.54 -8.14 -11.75
C GLN A 177 14.76 -7.68 -10.31
N CYS A 178 13.74 -7.78 -9.45
CA CYS A 178 13.94 -7.47 -8.04
C CYS A 178 14.60 -8.64 -7.33
N GLU A 179 15.45 -8.32 -6.36
CA GLU A 179 16.22 -9.36 -5.69
C GLU A 179 15.32 -10.31 -4.90
N CYS A 180 14.18 -9.85 -4.45
CA CYS A 180 13.28 -10.71 -3.67
C CYS A 180 12.42 -11.60 -4.53
N HIS A 181 12.47 -11.46 -5.87
CA HIS A 181 11.76 -12.40 -6.72
C HIS A 181 12.28 -13.80 -6.43
N ASN A 182 11.38 -14.70 -6.02
CA ASN A 182 11.76 -16.10 -5.74
C ASN A 182 12.64 -16.26 -4.50
N SER A 183 12.23 -15.63 -3.39
CA SER A 183 12.87 -15.90 -2.11
C SER A 183 12.04 -16.90 -1.27
C2 BGC B . 12.16 2.53 3.18
C3 BGC B . 12.89 1.21 2.91
C4 BGC B . 12.91 0.28 4.14
C5 BGC B . 11.53 0.19 4.81
C6 BGC B . 11.60 -0.53 6.16
C1 BGC B . 10.79 2.22 3.79
O1 BGC B . 10.07 3.42 4.10
O2 BGC B . 12.01 3.24 1.96
O3 BGC B . 14.22 1.51 2.46
O4 BGC B . 13.21 -1.07 3.77
O5 BGC B . 11.00 1.50 5.00
O6 BGC B . 12.50 0.20 7.01
C2 BGC B . 14.78 -2.83 3.92
C3 BGC B . 16.28 -3.11 3.93
C4 BGC B . 16.80 -2.79 2.53
C5 BGC B . 16.49 -1.32 2.17
C6 BGC B . 16.93 -0.93 0.77
C1 BGC B . 14.59 -1.36 3.63
O2 BGC B . 14.22 -3.07 5.22
O3 BGC B . 16.53 -4.48 4.30
O4 BGC B . 18.20 -3.08 2.55
O5 BGC B . 15.06 -1.06 2.31
O6 BGC B . 16.42 0.39 0.51
#